data_6O9B
#
_entry.id   6O9B
#
_cell.length_a   152.770
_cell.length_b   152.770
_cell.length_c   84.835
_cell.angle_alpha   90.000
_cell.angle_beta   90.000
_cell.angle_gamma   120.000
#
_symmetry.space_group_name_H-M   'P 6 2 2'
#
loop_
_entity.id
_entity.type
_entity.pdbx_description
1 polymer 'HLA class I histocompatibility antigen, A-3 alpha chain'
2 polymer Beta-2-microglobulin
3 polymer 'Catenin beta-1'
4 non-polymer 'TETRAETHYLENE GLYCOL'
5 non-polymer '2-(N-MORPHOLINO)-ETHANESULFONIC ACID'
6 non-polymer IMIDAZOLE
7 non-polymer DI(HYDROXYETHYL)ETHER
8 non-polymer 1,2-ETHANEDIOL
9 water water
#
loop_
_entity_poly.entity_id
_entity_poly.type
_entity_poly.pdbx_seq_one_letter_code
_entity_poly.pdbx_strand_id
1 'polypeptide(L)'
;MASGSHSMRYFFTSVSRPGRGEPRFIAVGYVDDTQFVRFDSDAASQRMEPRAPWIEQEGPEYWDQETRNVKAQSQTDRVD
LGTLRGYYNQSEAGSHTIQIMYGCDVGSDGRFLRGYRQDAYDGKDYIALNEDLRSWTAADMAAQITKRKWEAAHEAEQLR
AYLDGTCVEWLRRYLENGKETLQRTDPPKTHMTHHPISDHEATLRCWALGFYPAEITLTWQRDGEDQTQDTELVETRPAG
DGTFQKWAAVVVPSGEEQRYTCHVQHEGLPKPLTLRWELSSQPGSLHHILDAQKMVWNHR
;
A
2 'polypeptide(L)'
;MSRSVALAVLALLSLSGLEAIQRTPKIQVYSRHPAENGKSNFLNCYVSGFHPSDIEVDLLKNGERIEKVEHSDLSFSKDW
SFYLLYYTEFTPTEKDEYACRVNHVTLSQPKIVKWDRDM
;
B
3 'polypeptide(L)' TTAPSLSGK C
#
loop_
_chem_comp.id
_chem_comp.type
_chem_comp.name
_chem_comp.formula
EDO non-polymer 1,2-ETHANEDIOL 'C2 H6 O2'
IMD non-polymer IMIDAZOLE 'C3 H5 N2 1'
MES non-polymer '2-(N-MORPHOLINO)-ETHANESULFONIC ACID' 'C6 H13 N O4 S'
PEG non-polymer DI(HYDROXYETHYL)ETHER 'C4 H10 O3'
PG4 non-polymer 'TETRAETHYLENE GLYCOL' 'C8 H18 O5'
#
# COMPACT_ATOMS: atom_id res chain seq x y z
N SER A 3 6.87 -11.26 -15.46
CA SER A 3 5.50 -11.05 -16.04
C SER A 3 4.73 -12.38 -16.01
N GLY A 4 3.42 -12.33 -15.75
CA GLY A 4 2.68 -13.48 -15.22
C GLY A 4 3.32 -14.05 -13.93
N SER A 5 4.19 -13.33 -13.20
CA SER A 5 4.65 -13.70 -11.82
C SER A 5 3.59 -13.41 -10.77
N HIS A 6 3.66 -14.13 -9.66
CA HIS A 6 2.66 -13.94 -8.57
C HIS A 6 3.30 -13.87 -7.20
N SER A 7 2.60 -13.29 -6.23
CA SER A 7 3.14 -13.19 -4.86
C SER A 7 2.06 -13.47 -3.82
N MET A 8 2.50 -13.96 -2.68
CA MET A 8 1.67 -13.87 -1.46
C MET A 8 2.46 -13.12 -0.38
N ARG A 9 1.83 -12.11 0.24
CA ARG A 9 2.49 -11.20 1.21
C ARG A 9 1.56 -10.97 2.37
N TYR A 10 2.12 -11.03 3.56
CA TYR A 10 1.39 -10.55 4.77
C TYR A 10 2.09 -9.32 5.31
N PHE A 11 1.30 -8.35 5.72
CA PHE A 11 1.77 -7.08 6.33
C PHE A 11 1.22 -7.01 7.76
N PHE A 12 2.05 -6.68 8.74
CA PHE A 12 1.63 -6.55 10.16
C PHE A 12 2.12 -5.21 10.66
N THR A 13 1.29 -4.56 11.43
CA THR A 13 1.57 -3.31 12.11
C THR A 13 1.10 -3.43 13.56
N SER A 14 2.00 -3.19 14.50
CA SER A 14 1.67 -3.10 15.94
C SER A 14 2.03 -1.69 16.38
N VAL A 15 1.12 -1.04 17.06
CA VAL A 15 1.31 0.35 17.53
C VAL A 15 0.95 0.44 19.02
N SER A 16 1.91 0.78 19.86
CA SER A 16 1.67 0.85 21.33
C SER A 16 0.90 2.10 21.62
N ARG A 17 0.06 2.01 22.62
CA ARG A 17 -0.67 3.22 23.07
C ARG A 17 -0.68 3.18 24.60
N PRO A 18 0.44 3.55 25.26
CA PRO A 18 0.51 3.43 26.73
C PRO A 18 -0.57 4.28 27.44
N GLY A 19 -1.19 3.67 28.44
CA GLY A 19 -2.37 4.24 29.16
C GLY A 19 -3.64 4.33 28.33
N ARG A 20 -3.77 3.57 27.24
CA ARG A 20 -5.02 3.60 26.45
C ARG A 20 -5.33 2.20 25.99
N GLY A 21 -4.52 1.21 26.36
CA GLY A 21 -4.87 -0.20 26.12
C GLY A 21 -3.71 -0.99 25.54
N GLU A 22 -4.01 -2.22 25.13
CA GLU A 22 -3.08 -3.05 24.37
C GLU A 22 -2.85 -2.39 23.01
N PRO A 23 -1.71 -2.67 22.38
CA PRO A 23 -1.36 -2.02 21.12
C PRO A 23 -2.41 -2.35 20.06
N ARG A 24 -2.66 -1.42 19.17
CA ARG A 24 -3.37 -1.72 17.93
C ARG A 24 -2.54 -2.71 17.11
N PHE A 25 -3.20 -3.80 16.67
CA PHE A 25 -2.63 -4.79 15.77
C PHE A 25 -3.49 -4.92 14.54
N ILE A 26 -2.84 -4.74 13.37
CA ILE A 26 -3.51 -4.92 12.05
C ILE A 26 -2.69 -5.83 11.16
N ALA A 27 -3.27 -6.94 10.74
CA ALA A 27 -2.68 -7.90 9.79
C ALA A 27 -3.47 -7.86 8.49
N VAL A 28 -2.76 -7.79 7.38
CA VAL A 28 -3.37 -7.88 6.03
C VAL A 28 -2.62 -8.92 5.20
N GLY A 29 -3.34 -9.75 4.48
CA GLY A 29 -2.79 -10.69 3.50
C GLY A 29 -3.20 -10.29 2.09
N TYR A 30 -2.28 -10.41 1.16
CA TYR A 30 -2.50 -10.11 -0.26
C TYR A 30 -2.01 -11.23 -1.14
N VAL A 31 -2.76 -11.51 -2.22
CA VAL A 31 -2.24 -12.29 -3.34
C VAL A 31 -2.02 -11.26 -4.44
N ASP A 32 -0.82 -11.14 -4.97
CA ASP A 32 -0.49 -10.06 -5.95
C ASP A 32 -0.92 -8.73 -5.33
N ASP A 33 -1.83 -7.98 -5.96
CA ASP A 33 -2.23 -6.67 -5.41
C ASP A 33 -3.69 -6.75 -4.91
N THR A 34 -4.16 -7.90 -4.47
CA THR A 34 -5.58 -8.12 -4.09
C THR A 34 -5.60 -8.60 -2.65
N GLN A 35 -6.22 -7.81 -1.79
CA GLN A 35 -6.31 -8.17 -0.38
C GLN A 35 -7.22 -9.40 -0.28
N PHE A 36 -6.86 -10.40 0.56
CA PHE A 36 -7.82 -11.51 0.77
C PHE A 36 -8.18 -11.74 2.23
N VAL A 37 -7.33 -11.34 3.17
CA VAL A 37 -7.64 -11.54 4.60
C VAL A 37 -7.22 -10.30 5.41
N ARG A 38 -7.80 -10.17 6.59
CA ARG A 38 -7.40 -9.12 7.55
C ARG A 38 -7.76 -9.54 8.98
N PHE A 39 -6.96 -9.07 9.92
CA PHE A 39 -7.24 -9.11 11.36
C PHE A 39 -6.99 -7.67 11.84
N ASP A 40 -7.91 -7.14 12.64
CA ASP A 40 -7.77 -5.81 13.29
C ASP A 40 -8.21 -5.95 14.75
N SER A 41 -7.29 -5.68 15.69
CA SER A 41 -7.53 -5.89 17.14
C SER A 41 -8.71 -5.04 17.60
N ASP A 42 -9.01 -4.00 16.85
CA ASP A 42 -10.00 -3.00 17.24
C ASP A 42 -11.32 -3.29 16.55
N ALA A 43 -11.39 -4.25 15.64
CA ALA A 43 -12.68 -4.57 14.98
C ALA A 43 -13.51 -5.49 15.90
N ALA A 44 -14.71 -5.80 15.46
CA ALA A 44 -15.74 -6.47 16.29
C ALA A 44 -15.31 -7.90 16.63
N SER A 45 -14.85 -8.69 15.65
CA SER A 45 -14.81 -10.19 15.79
C SER A 45 -13.56 -10.71 16.48
N GLN A 46 -12.42 -10.05 16.38
CA GLN A 46 -11.18 -10.65 16.95
C GLN A 46 -10.87 -11.97 16.24
N ARG A 47 -11.23 -12.07 14.96
CA ARG A 47 -10.95 -13.22 14.09
C ARG A 47 -10.26 -12.74 12.84
N MET A 48 -9.49 -13.62 12.23
CA MET A 48 -9.02 -13.35 10.84
C MET A 48 -10.27 -13.42 9.95
N GLU A 49 -10.43 -12.53 8.98
CA GLU A 49 -11.71 -12.41 8.30
C GLU A 49 -11.41 -12.37 6.83
N PRO A 50 -12.36 -12.91 6.03
CA PRO A 50 -12.20 -12.93 4.58
C PRO A 50 -12.40 -11.57 3.92
N ARG A 51 -11.61 -11.25 2.90
CA ARG A 51 -11.84 -9.99 2.20
C ARG A 51 -11.87 -10.15 0.71
N ALA A 52 -11.88 -11.37 0.22
CA ALA A 52 -12.06 -11.66 -1.20
C ALA A 52 -12.99 -12.86 -1.25
N PRO A 53 -13.84 -12.92 -2.28
CA PRO A 53 -14.90 -13.93 -2.28
C PRO A 53 -14.38 -15.35 -2.49
N TRP A 54 -13.30 -15.53 -3.22
CA TRP A 54 -12.71 -16.88 -3.35
C TRP A 54 -12.08 -17.43 -2.05
N ILE A 55 -11.74 -16.63 -1.05
CA ILE A 55 -11.15 -17.24 0.18
C ILE A 55 -12.28 -17.66 1.11
N GLU A 56 -13.48 -17.14 0.86
CA GLU A 56 -14.62 -17.43 1.75
C GLU A 56 -14.94 -18.92 1.79
N GLN A 57 -14.64 -19.59 0.70
CA GLN A 57 -14.97 -21.01 0.61
C GLN A 57 -14.08 -21.83 1.56
N GLU A 58 -13.08 -21.24 2.24
CA GLU A 58 -12.26 -22.02 3.25
C GLU A 58 -13.14 -22.30 4.48
N GLY A 59 -12.87 -23.43 5.10
CA GLY A 59 -13.65 -23.99 6.20
C GLY A 59 -13.33 -23.41 7.55
N PRO A 60 -14.21 -23.71 8.52
CA PRO A 60 -14.03 -23.18 9.87
C PRO A 60 -12.66 -23.54 10.45
N GLU A 61 -12.13 -24.69 10.13
CA GLU A 61 -10.79 -25.05 10.70
C GLU A 61 -9.70 -24.16 10.09
N TYR A 62 -9.88 -23.64 8.87
CA TYR A 62 -8.85 -22.75 8.27
C TYR A 62 -8.89 -21.44 9.03
N TRP A 63 -10.11 -20.92 9.26
CA TRP A 63 -10.34 -19.63 9.97
C TRP A 63 -9.87 -19.74 11.42
N ASP A 64 -10.09 -20.89 12.05
CA ASP A 64 -9.63 -21.06 13.44
C ASP A 64 -8.09 -21.00 13.44
N GLN A 65 -7.44 -21.71 12.59
CA GLN A 65 -5.98 -21.82 12.68
C GLN A 65 -5.37 -20.45 12.36
N GLU A 66 -5.90 -19.75 11.35
CA GLU A 66 -5.31 -18.42 10.95
C GLU A 66 -5.50 -17.42 12.09
N THR A 67 -6.66 -17.48 12.74
CA THR A 67 -6.96 -16.59 13.87
C THR A 67 -5.91 -16.86 15.01
N ARG A 68 -5.69 -18.12 15.37
CA ARG A 68 -4.73 -18.44 16.46
C ARG A 68 -3.33 -18.00 16.04
N ASN A 69 -2.94 -18.30 14.82
CA ASN A 69 -1.60 -17.96 14.33
C ASN A 69 -1.40 -16.44 14.30
N VAL A 70 -2.39 -15.69 13.80
CA VAL A 70 -2.27 -14.20 13.72
C VAL A 70 -2.17 -13.60 15.12
N LYS A 71 -2.99 -14.08 16.05
CA LYS A 71 -2.93 -13.67 17.46
C LYS A 71 -1.57 -14.00 18.10
N ALA A 72 -0.87 -15.05 17.70
CA ALA A 72 0.48 -15.29 18.28
C ALA A 72 1.47 -14.29 17.68
N GLN A 73 1.28 -13.91 16.42
CA GLN A 73 2.16 -12.88 15.82
C GLN A 73 1.94 -11.62 16.64
N SER A 74 0.67 -11.28 16.91
CA SER A 74 0.35 -10.11 17.74
C SER A 74 1.06 -10.16 19.12
N GLN A 75 1.01 -11.28 19.78
CA GLN A 75 1.63 -11.36 21.12
C GLN A 75 3.18 -11.20 21.03
N THR A 76 3.81 -11.80 20.03
CA THR A 76 5.26 -11.62 19.86
C THR A 76 5.61 -10.13 19.63
N ASP A 77 4.86 -9.46 18.77
CA ASP A 77 5.12 -8.04 18.44
C ASP A 77 4.94 -7.19 19.68
N ARG A 78 4.00 -7.56 20.52
CA ARG A 78 3.75 -6.80 21.75
C ARG A 78 4.91 -6.92 22.72
N VAL A 79 5.43 -8.11 22.85
CA VAL A 79 6.67 -8.36 23.62
C VAL A 79 7.83 -7.61 22.96
N ASP A 80 7.92 -7.63 21.62
CA ASP A 80 9.02 -6.91 20.91
C ASP A 80 8.94 -5.40 21.13
N LEU A 81 7.74 -4.85 21.33
CA LEU A 81 7.60 -3.40 21.50
C LEU A 81 8.32 -3.06 22.83
N GLY A 82 8.11 -3.87 23.86
CA GLY A 82 8.83 -3.74 25.13
C GLY A 82 10.33 -3.93 24.97
N THR A 83 10.76 -4.98 24.31
CA THR A 83 12.20 -5.24 24.14
C THR A 83 12.86 -4.09 23.36
N LEU A 84 12.23 -3.61 22.29
CA LEU A 84 12.96 -2.66 21.43
C LEU A 84 13.04 -1.30 22.11
N ARG A 85 12.00 -0.94 22.87
CA ARG A 85 12.00 0.26 23.73
C ARG A 85 13.26 0.20 24.65
N GLY A 86 13.60 -0.96 25.21
CA GLY A 86 14.82 -1.13 26.05
C GLY A 86 16.05 -0.98 25.20
N TYR A 87 16.14 -1.64 24.06
CA TYR A 87 17.35 -1.49 23.23
C TYR A 87 17.56 -0.05 22.82
N TYR A 88 16.47 0.67 22.48
CA TYR A 88 16.67 2.07 22.00
C TYR A 88 16.54 3.05 23.16
N ASN A 89 16.34 2.56 24.37
CA ASN A 89 16.39 3.39 25.60
C ASN A 89 15.29 4.47 25.56
N GLN A 90 14.04 4.05 25.39
CA GLN A 90 12.94 4.98 25.21
C GLN A 90 11.97 4.79 26.35
N SER A 91 11.15 5.78 26.60
CA SER A 91 10.30 5.75 27.82
C SER A 91 9.06 4.95 27.56
N GLU A 92 8.42 4.65 28.68
CA GLU A 92 7.17 3.86 28.78
C GLU A 92 6.01 4.72 28.34
N ALA A 93 6.21 5.99 28.01
CA ALA A 93 5.08 6.92 27.78
C ALA A 93 4.76 7.14 26.30
N GLY A 94 5.69 6.91 25.38
CA GLY A 94 5.50 7.28 23.95
C GLY A 94 4.90 6.08 23.23
N SER A 95 4.24 6.35 22.11
CA SER A 95 3.75 5.34 21.15
C SER A 95 4.86 4.99 20.17
N HIS A 96 5.06 3.69 19.99
CA HIS A 96 6.05 3.12 19.05
C HIS A 96 5.36 2.16 18.08
N THR A 97 6.06 1.84 17.00
CA THR A 97 5.52 1.06 15.90
C THR A 97 6.46 -0.04 15.44
N ILE A 98 5.91 -1.26 15.37
CA ILE A 98 6.60 -2.36 14.68
C ILE A 98 5.87 -2.71 13.40
N GLN A 99 6.60 -2.74 12.33
CA GLN A 99 6.07 -3.14 11.01
C GLN A 99 6.84 -4.34 10.46
N ILE A 100 6.11 -5.26 9.86
CA ILE A 100 6.66 -6.52 9.34
C ILE A 100 5.98 -6.84 8.03
N MET A 101 6.76 -7.26 7.07
CA MET A 101 6.20 -7.79 5.82
C MET A 101 6.98 -9.02 5.41
N TYR A 102 6.29 -10.07 5.03
CA TYR A 102 6.97 -11.27 4.52
C TYR A 102 6.10 -11.92 3.45
N GLY A 103 6.73 -12.72 2.61
CA GLY A 103 6.00 -13.50 1.59
C GLY A 103 6.91 -14.16 0.58
N CYS A 104 6.31 -14.68 -0.46
CA CYS A 104 7.05 -15.38 -1.52
C CYS A 104 6.50 -14.98 -2.87
N ASP A 105 7.38 -15.06 -3.85
CA ASP A 105 7.04 -14.95 -5.28
C ASP A 105 7.24 -16.29 -6.00
N VAL A 106 6.37 -16.56 -6.95
CA VAL A 106 6.43 -17.69 -7.93
C VAL A 106 6.34 -17.17 -9.37
N GLY A 107 6.79 -18.01 -10.31
CA GLY A 107 6.72 -17.75 -11.76
C GLY A 107 5.31 -18.01 -12.28
N SER A 108 5.07 -17.69 -13.53
CA SER A 108 3.76 -17.97 -14.17
C SER A 108 3.46 -19.46 -14.16
N ASP A 109 4.48 -20.31 -14.04
CA ASP A 109 4.32 -21.78 -13.95
C ASP A 109 4.27 -22.29 -12.51
N GLY A 110 4.19 -21.42 -11.50
CA GLY A 110 4.03 -21.81 -10.08
C GLY A 110 5.36 -22.19 -9.39
N ARG A 111 6.47 -21.97 -10.05
CA ARG A 111 7.80 -22.31 -9.48
C ARG A 111 8.31 -21.18 -8.58
N PHE A 112 8.82 -21.56 -7.43
CA PHE A 112 9.42 -20.60 -6.48
C PHE A 112 10.47 -19.72 -7.17
N LEU A 113 10.37 -18.42 -6.89
CA LEU A 113 11.30 -17.41 -7.43
C LEU A 113 12.05 -16.81 -6.25
N ARG A 114 11.37 -16.45 -5.15
CA ARG A 114 12.08 -15.87 -3.98
C ARG A 114 11.16 -15.68 -2.79
N GLY A 115 11.82 -15.47 -1.67
CA GLY A 115 11.13 -15.21 -0.41
C GLY A 115 11.76 -14.01 0.24
N TYR A 116 11.04 -13.41 1.19
CA TYR A 116 11.49 -12.18 1.82
C TYR A 116 10.77 -12.04 3.14
N ARG A 117 11.49 -11.43 4.08
CA ARG A 117 10.90 -10.86 5.29
C ARG A 117 11.68 -9.64 5.70
N GLN A 118 10.97 -8.59 6.02
CA GLN A 118 11.54 -7.32 6.46
C GLN A 118 10.78 -6.82 7.67
N ASP A 119 11.53 -6.30 8.62
CA ASP A 119 11.00 -5.69 9.83
C ASP A 119 11.51 -4.26 10.00
N ALA A 120 10.63 -3.42 10.54
CA ALA A 120 10.91 -2.01 10.86
C ALA A 120 10.52 -1.68 12.31
N TYR A 121 11.12 -0.60 12.81
CA TYR A 121 10.81 -0.03 14.15
C TYR A 121 10.72 1.48 13.99
N ASP A 122 9.58 2.03 14.39
CA ASP A 122 9.29 3.48 14.25
C ASP A 122 9.58 3.98 12.83
N GLY A 123 9.25 3.17 11.84
CA GLY A 123 9.25 3.58 10.45
C GLY A 123 10.63 3.55 9.83
N LYS A 124 11.62 2.90 10.46
CA LYS A 124 12.95 2.68 9.80
C LYS A 124 13.30 1.19 9.82
N ASP A 125 14.12 0.75 8.90
CA ASP A 125 14.65 -0.63 8.86
C ASP A 125 15.15 -1.04 10.24
N TYR A 126 14.78 -2.23 10.66
CA TYR A 126 15.30 -2.83 11.92
C TYR A 126 16.17 -4.02 11.49
N ILE A 127 15.54 -5.03 10.91
CA ILE A 127 16.23 -6.25 10.45
C ILE A 127 15.46 -6.83 9.27
N ALA A 128 16.24 -7.45 8.42
CA ALA A 128 15.77 -8.14 7.20
C ALA A 128 16.45 -9.51 7.08
N LEU A 129 15.68 -10.46 6.60
CA LEU A 129 16.15 -11.73 6.06
C LEU A 129 16.69 -11.51 4.65
N ASN A 130 17.87 -12.03 4.36
CA ASN A 130 18.49 -11.79 3.05
C ASN A 130 17.86 -12.75 2.05
N GLU A 131 18.08 -12.48 0.80
CA GLU A 131 17.45 -13.28 -0.29
C GLU A 131 17.90 -14.73 -0.29
N ASP A 132 19.08 -15.06 0.26
CA ASP A 132 19.51 -16.47 0.36
C ASP A 132 18.65 -17.23 1.40
N LEU A 133 17.85 -16.54 2.21
CA LEU A 133 16.97 -17.13 3.26
C LEU A 133 17.76 -17.92 4.32
N ARG A 134 19.02 -17.54 4.57
CA ARG A 134 19.85 -18.25 5.60
C ARG A 134 20.68 -17.28 6.47
N SER A 135 20.55 -15.99 6.23
CA SER A 135 21.25 -14.96 6.96
C SER A 135 20.38 -13.72 7.04
N TRP A 136 20.74 -12.87 8.00
CA TRP A 136 20.08 -11.60 8.25
C TRP A 136 21.01 -10.42 8.04
N THR A 137 20.40 -9.27 7.73
CA THR A 137 21.00 -7.92 7.80
C THR A 137 20.29 -7.02 8.81
N ALA A 138 21.03 -6.63 9.86
CA ALA A 138 20.59 -5.65 10.84
C ALA A 138 20.92 -4.21 10.42
N ALA A 139 20.06 -3.27 10.81
CA ALA A 139 20.15 -1.87 10.33
C ALA A 139 21.11 -1.05 11.21
N ASP A 140 21.33 -1.46 12.45
CA ASP A 140 22.09 -0.70 13.46
C ASP A 140 22.48 -1.64 14.60
N MET A 141 23.11 -1.14 15.64
CA MET A 141 23.69 -2.02 16.68
C MET A 141 22.59 -2.54 17.60
N ALA A 142 21.45 -1.83 17.68
CA ALA A 142 20.33 -2.41 18.47
C ALA A 142 19.83 -3.67 17.75
N ALA A 143 19.56 -3.53 16.46
CA ALA A 143 19.02 -4.67 15.70
C ALA A 143 19.98 -5.87 15.71
N GLN A 144 21.30 -5.69 15.85
CA GLN A 144 22.28 -6.82 15.82
C GLN A 144 22.06 -7.66 17.09
N ILE A 145 21.51 -7.12 18.13
CA ILE A 145 21.23 -7.98 19.29
C ILE A 145 20.15 -8.99 18.86
N THR A 146 19.05 -8.53 18.23
CA THR A 146 18.02 -9.45 17.68
C THR A 146 18.66 -10.48 16.73
N LYS A 147 19.51 -10.03 15.84
CA LYS A 147 20.17 -10.93 14.88
C LYS A 147 20.90 -12.06 15.62
N ARG A 148 21.63 -11.75 16.67
CA ARG A 148 22.34 -12.80 17.47
C ARG A 148 21.36 -13.78 18.08
N LYS A 149 20.22 -13.30 18.55
CA LYS A 149 19.27 -14.22 19.21
C LYS A 149 18.74 -15.18 18.14
N TRP A 150 18.48 -14.61 16.96
CA TRP A 150 17.75 -15.35 15.89
C TRP A 150 18.69 -16.35 15.23
N GLU A 151 19.96 -15.99 15.10
CA GLU A 151 21.01 -16.93 14.69
C GLU A 151 21.15 -18.08 15.68
N ALA A 152 21.24 -17.80 16.95
CA ALA A 152 21.47 -18.89 17.96
C ALA A 152 20.27 -19.85 17.93
N ALA A 153 19.06 -19.32 17.74
CA ALA A 153 17.78 -20.10 17.77
C ALA A 153 17.50 -20.69 16.39
N HIS A 154 18.35 -20.42 15.41
CA HIS A 154 18.17 -20.95 14.03
C HIS A 154 16.80 -20.54 13.48
N GLU A 155 16.45 -19.25 13.62
CA GLU A 155 15.17 -18.70 13.14
C GLU A 155 15.04 -18.74 11.60
N ALA A 156 16.13 -18.52 10.87
CA ALA A 156 16.04 -18.42 9.40
C ALA A 156 15.64 -19.80 8.84
N GLU A 157 16.14 -20.88 9.42
CA GLU A 157 15.89 -22.24 8.88
C GLU A 157 14.42 -22.58 9.03
N GLN A 158 13.78 -22.31 10.15
CA GLN A 158 12.32 -22.55 10.26
C GLN A 158 11.59 -21.60 9.27
N LEU A 159 12.00 -20.36 9.15
CA LEU A 159 11.22 -19.39 8.34
C LEU A 159 11.35 -19.77 6.88
N ARG A 160 12.53 -20.23 6.50
CA ARG A 160 12.82 -20.62 5.10
CA ARG A 160 12.78 -20.59 5.09
C ARG A 160 11.88 -21.75 4.62
N ALA A 161 11.68 -22.73 5.49
CA ALA A 161 10.80 -23.82 5.16
C ALA A 161 9.38 -23.30 4.87
N TYR A 162 8.96 -22.23 5.54
CA TYR A 162 7.65 -21.58 5.24
C TYR A 162 7.82 -20.79 3.93
N LEU A 163 8.88 -19.96 3.80
CA LEU A 163 8.95 -19.05 2.62
C LEU A 163 9.20 -19.75 1.29
N ASP A 164 9.82 -20.92 1.28
CA ASP A 164 9.94 -21.66 0.00
C ASP A 164 9.20 -22.98 -0.04
N GLY A 165 8.45 -23.34 0.98
CA GLY A 165 7.59 -24.54 0.98
C GLY A 165 6.11 -24.15 1.14
N THR A 166 5.67 -23.95 2.37
CA THR A 166 4.26 -23.64 2.73
C THR A 166 3.68 -22.42 1.96
N CYS A 167 4.42 -21.35 1.97
CA CYS A 167 4.01 -20.07 1.35
C CYS A 167 3.67 -20.30 -0.14
N VAL A 168 4.57 -20.99 -0.83
CA VAL A 168 4.49 -21.24 -2.28
C VAL A 168 3.31 -22.18 -2.54
N GLU A 169 3.15 -23.25 -1.78
CA GLU A 169 2.06 -24.20 -2.06
C GLU A 169 0.69 -23.55 -1.80
N TRP A 170 0.56 -22.76 -0.74
CA TRP A 170 -0.70 -22.08 -0.48
C TRP A 170 -0.96 -21.00 -1.55
N LEU A 171 0.08 -20.29 -1.96
CA LEU A 171 -0.08 -19.29 -3.01
C LEU A 171 -0.59 -20.00 -4.27
N ARG A 172 -0.06 -21.18 -4.58
CA ARG A 172 -0.52 -21.97 -5.74
C ARG A 172 -1.98 -22.39 -5.57
N ARG A 173 -2.37 -22.83 -4.38
CA ARG A 173 -3.79 -23.14 -4.09
C ARG A 173 -4.67 -21.90 -4.32
N TYR A 174 -4.30 -20.76 -3.75
CA TYR A 174 -5.13 -19.54 -3.81
C TYR A 174 -5.29 -19.07 -5.27
N LEU A 175 -4.26 -19.21 -6.05
CA LEU A 175 -4.31 -18.81 -7.47
C LEU A 175 -5.29 -19.70 -8.19
N GLU A 176 -5.28 -20.99 -7.87
CA GLU A 176 -6.25 -21.92 -8.45
C GLU A 176 -7.65 -21.56 -7.94
N ASN A 177 -7.86 -21.49 -6.65
CA ASN A 177 -9.22 -21.25 -6.10
C ASN A 177 -9.77 -19.90 -6.60
N GLY A 178 -8.88 -18.98 -6.93
CA GLY A 178 -9.29 -17.63 -7.26
C GLY A 178 -9.03 -17.33 -8.70
N LYS A 179 -8.86 -18.33 -9.54
CA LYS A 179 -8.22 -18.08 -10.86
C LYS A 179 -9.05 -17.10 -11.73
N GLU A 180 -10.36 -17.17 -11.67
CA GLU A 180 -11.24 -16.29 -12.49
C GLU A 180 -10.87 -14.81 -12.26
N THR A 181 -10.55 -14.41 -11.02
CA THR A 181 -10.23 -13.03 -10.53
C THR A 181 -8.72 -12.73 -10.54
N LEU A 182 -7.87 -13.62 -10.03
CA LEU A 182 -6.44 -13.32 -9.81
C LEU A 182 -5.56 -13.53 -11.05
N GLN A 183 -5.92 -14.40 -11.99
CA GLN A 183 -5.05 -14.66 -13.16
C GLN A 183 -5.55 -13.77 -14.31
N ARG A 184 -5.57 -12.48 -14.08
CA ARG A 184 -6.00 -11.49 -15.09
C ARG A 184 -4.92 -10.42 -15.10
N THR A 185 -4.74 -9.80 -16.23
CA THR A 185 -3.89 -8.60 -16.34
C THR A 185 -4.72 -7.57 -17.07
N ASP A 186 -4.91 -6.40 -16.46
CA ASP A 186 -5.64 -5.29 -17.10
C ASP A 186 -4.62 -4.27 -17.50
N PRO A 187 -4.37 -4.11 -18.80
CA PRO A 187 -3.46 -3.05 -19.23
C PRO A 187 -4.06 -1.67 -18.95
N PRO A 188 -3.23 -0.64 -18.77
CA PRO A 188 -3.77 0.69 -18.45
C PRO A 188 -4.47 1.30 -19.68
N LYS A 189 -5.65 1.86 -19.45
CA LYS A 189 -6.31 2.83 -20.34
C LYS A 189 -5.68 4.19 -20.10
N THR A 190 -4.86 4.61 -21.02
CA THR A 190 -4.13 5.84 -20.97
C THR A 190 -4.79 6.96 -21.79
N HIS A 191 -4.59 8.18 -21.32
CA HIS A 191 -4.86 9.43 -22.07
C HIS A 191 -4.01 10.56 -21.47
N MET A 192 -4.07 11.71 -22.14
CA MET A 192 -3.33 12.93 -21.73
C MET A 192 -4.30 14.10 -21.60
N THR A 193 -4.21 14.86 -20.50
CA THR A 193 -4.99 16.10 -20.35
C THR A 193 -4.06 17.32 -20.40
N HIS A 194 -4.67 18.49 -20.52
CA HIS A 194 -3.97 19.78 -20.78
C HIS A 194 -4.68 20.89 -20.01
N HIS A 195 -3.91 21.55 -19.15
CA HIS A 195 -4.43 22.58 -18.20
C HIS A 195 -3.53 23.80 -18.25
N PRO A 196 -3.97 24.88 -18.94
CA PRO A 196 -3.24 26.14 -18.90
C PRO A 196 -3.17 26.65 -17.46
N ILE A 197 -2.04 27.23 -17.08
CA ILE A 197 -1.91 27.88 -15.74
C ILE A 197 -1.75 29.41 -15.88
N SER A 198 -1.71 29.90 -17.12
CA SER A 198 -1.47 31.32 -17.48
C SER A 198 -1.80 31.40 -18.96
N ASP A 199 -1.49 32.52 -19.60
CA ASP A 199 -1.68 32.71 -21.07
C ASP A 199 -0.48 32.11 -21.78
N HIS A 200 0.57 31.76 -21.03
CA HIS A 200 1.89 31.40 -21.62
C HIS A 200 2.38 30.02 -21.12
N GLU A 201 1.69 29.35 -20.20
CA GLU A 201 2.18 28.02 -19.75
C GLU A 201 1.02 27.08 -19.51
N ALA A 202 1.30 25.78 -19.56
CA ALA A 202 0.25 24.77 -19.31
C ALA A 202 0.87 23.51 -18.74
N THR A 203 0.07 22.81 -17.95
CA THR A 203 0.41 21.45 -17.39
C THR A 203 -0.08 20.36 -18.33
N LEU A 204 0.82 19.52 -18.83
CA LEU A 204 0.44 18.26 -19.49
C LEU A 204 0.45 17.17 -18.45
N ARG A 205 -0.65 16.47 -18.35
CA ARG A 205 -0.79 15.38 -17.36
C ARG A 205 -0.97 14.08 -18.14
N CYS A 206 -0.12 13.09 -17.87
CA CYS A 206 -0.21 11.78 -18.54
C CYS A 206 -0.92 10.83 -17.56
N TRP A 207 -1.99 10.20 -18.01
CA TRP A 207 -2.89 9.38 -17.16
C TRP A 207 -2.82 7.88 -17.53
N ALA A 208 -2.85 7.01 -16.52
CA ALA A 208 -3.11 5.57 -16.64
C ALA A 208 -4.18 5.14 -15.66
N LEU A 209 -5.22 4.51 -16.18
CA LEU A 209 -6.40 4.11 -15.40
C LEU A 209 -6.69 2.62 -15.59
N GLY A 210 -7.44 2.04 -14.65
CA GLY A 210 -7.99 0.70 -14.84
C GLY A 210 -6.95 -0.39 -14.96
N PHE A 211 -5.69 -0.16 -14.58
CA PHE A 211 -4.63 -1.18 -14.72
C PHE A 211 -4.51 -2.08 -13.46
N TYR A 212 -4.03 -3.31 -13.72
CA TYR A 212 -3.76 -4.37 -12.72
C TYR A 212 -2.77 -5.34 -13.32
N PRO A 213 -1.67 -5.67 -12.64
CA PRO A 213 -1.42 -5.30 -11.24
C PRO A 213 -0.93 -3.86 -11.11
N ALA A 214 -0.48 -3.44 -9.93
CA ALA A 214 -0.26 -2.00 -9.62
C ALA A 214 1.04 -1.47 -10.22
N GLU A 215 2.03 -2.32 -10.47
CA GLU A 215 3.35 -1.79 -10.92
C GLU A 215 3.23 -1.12 -12.31
N ILE A 216 3.81 0.06 -12.48
CA ILE A 216 3.72 0.85 -13.75
C ILE A 216 4.82 1.90 -13.74
N THR A 217 5.25 2.33 -14.91
CA THR A 217 6.22 3.45 -14.99
C THR A 217 5.64 4.49 -15.95
N LEU A 218 5.60 5.74 -15.52
CA LEU A 218 5.21 6.89 -16.38
C LEU A 218 6.39 7.84 -16.46
N THR A 219 6.86 8.14 -17.66
CA THR A 219 8.03 9.02 -17.85
C THR A 219 7.77 10.10 -18.90
N TRP A 220 8.18 11.34 -18.60
CA TRP A 220 8.12 12.48 -19.54
C TRP A 220 9.46 12.60 -20.26
N GLN A 221 9.43 12.85 -21.57
CA GLN A 221 10.64 13.26 -22.33
C GLN A 221 10.36 14.54 -23.12
N ARG A 222 11.39 15.38 -23.26
CA ARG A 222 11.35 16.57 -24.12
C ARG A 222 12.40 16.43 -25.22
N ASP A 223 11.95 16.34 -26.48
CA ASP A 223 12.83 16.03 -27.63
C ASP A 223 13.57 14.71 -27.38
N GLY A 224 12.95 13.76 -26.69
CA GLY A 224 13.58 12.47 -26.35
C GLY A 224 14.65 12.58 -25.26
N GLU A 225 14.76 13.71 -24.54
CA GLU A 225 15.67 13.88 -23.38
C GLU A 225 14.84 13.80 -22.09
N ASP A 226 15.35 13.10 -21.06
CA ASP A 226 14.56 12.82 -19.84
C ASP A 226 14.27 14.10 -19.08
N GLN A 227 13.21 14.07 -18.27
CA GLN A 227 12.65 15.27 -17.59
C GLN A 227 12.36 14.95 -16.12
N THR A 228 12.99 13.93 -15.57
CA THR A 228 12.51 13.32 -14.31
C THR A 228 12.54 14.34 -13.16
N GLN A 229 13.37 15.41 -13.24
CA GLN A 229 13.47 16.42 -12.14
C GLN A 229 12.39 17.52 -12.24
N ASP A 230 11.85 17.80 -13.42
CA ASP A 230 10.75 18.81 -13.60
C ASP A 230 9.38 18.13 -13.70
N THR A 231 9.32 16.83 -13.47
CA THR A 231 8.08 16.03 -13.42
C THR A 231 7.49 15.95 -12.01
N GLU A 232 6.20 16.26 -11.86
CA GLU A 232 5.39 15.85 -10.68
C GLU A 232 4.79 14.45 -10.94
N LEU A 233 5.05 13.49 -10.04
CA LEU A 233 4.45 12.13 -10.09
C LEU A 233 3.53 11.97 -8.89
N VAL A 234 2.37 11.39 -9.02
CA VAL A 234 1.63 11.05 -7.78
C VAL A 234 1.85 9.57 -7.47
N GLU A 235 1.66 9.19 -6.21
CA GLU A 235 1.70 7.75 -5.81
C GLU A 235 0.58 6.99 -6.52
N THR A 236 0.88 5.75 -6.88
CA THR A 236 -0.04 4.87 -7.58
C THR A 236 -1.16 4.59 -6.61
N ARG A 237 -2.41 4.82 -7.06
CA ARG A 237 -3.50 4.90 -6.05
C ARG A 237 -4.52 3.89 -6.49
N PRO A 238 -5.30 3.23 -5.59
CA PRO A 238 -6.37 2.30 -5.92
C PRO A 238 -7.69 2.97 -6.31
N ALA A 239 -8.38 2.43 -7.32
CA ALA A 239 -9.71 2.91 -7.74
C ALA A 239 -10.83 2.47 -6.78
N GLY A 240 -10.62 1.33 -6.10
CA GLY A 240 -11.64 0.71 -5.21
C GLY A 240 -12.44 -0.41 -5.87
N ASP A 241 -12.19 -0.66 -7.16
CA ASP A 241 -12.81 -1.77 -7.92
C ASP A 241 -11.78 -2.87 -8.23
N GLY A 242 -10.62 -2.89 -7.58
CA GLY A 242 -9.56 -3.86 -7.83
C GLY A 242 -8.57 -3.38 -8.88
N THR A 243 -8.75 -2.19 -9.51
CA THR A 243 -7.75 -1.61 -10.46
C THR A 243 -6.99 -0.42 -9.82
N PHE A 244 -5.93 0.02 -10.47
CA PHE A 244 -5.16 1.18 -10.03
C PHE A 244 -5.16 2.34 -11.05
N GLN A 245 -4.80 3.54 -10.57
CA GLN A 245 -4.62 4.77 -11.36
C GLN A 245 -3.30 5.43 -11.03
N LYS A 246 -2.75 6.20 -11.97
CA LYS A 246 -1.57 7.05 -11.71
C LYS A 246 -1.49 8.15 -12.73
N TRP A 247 -0.86 9.25 -12.35
CA TRP A 247 -0.49 10.27 -13.37
C TRP A 247 0.86 10.94 -13.08
N ALA A 248 1.42 11.47 -14.14
CA ALA A 248 2.66 12.26 -14.15
C ALA A 248 2.47 13.53 -14.99
N ALA A 249 2.93 14.67 -14.53
CA ALA A 249 2.69 15.98 -15.15
C ALA A 249 3.98 16.74 -15.29
N VAL A 250 3.95 17.64 -16.23
CA VAL A 250 5.08 18.50 -16.60
C VAL A 250 4.45 19.82 -17.02
N VAL A 251 5.04 20.93 -16.57
CA VAL A 251 4.65 22.31 -16.97
C VAL A 251 5.42 22.71 -18.23
N VAL A 252 4.71 23.15 -19.27
CA VAL A 252 5.42 23.47 -20.54
C VAL A 252 4.99 24.84 -21.08
N PRO A 253 5.85 25.44 -21.95
CA PRO A 253 5.48 26.66 -22.65
C PRO A 253 4.33 26.40 -23.61
N SER A 254 3.30 27.23 -23.54
CA SER A 254 2.18 27.10 -24.49
C SER A 254 2.72 27.22 -25.91
N GLY A 255 2.39 26.28 -26.81
CA GLY A 255 2.90 26.24 -28.19
C GLY A 255 4.09 25.31 -28.36
N GLU A 256 4.65 24.78 -27.28
CA GLU A 256 5.71 23.74 -27.44
C GLU A 256 5.23 22.37 -26.94
N GLU A 257 3.92 22.14 -26.83
CA GLU A 257 3.41 20.86 -26.27
C GLU A 257 3.91 19.67 -27.11
N GLN A 258 3.92 19.84 -28.42
CA GLN A 258 4.20 18.72 -29.36
C GLN A 258 5.65 18.24 -29.14
N ARG A 259 6.49 18.98 -28.42
CA ARG A 259 7.89 18.58 -28.15
C ARG A 259 8.01 17.58 -26.99
N TYR A 260 6.94 17.36 -26.24
CA TYR A 260 7.03 16.47 -25.06
C TYR A 260 6.34 15.14 -25.36
N THR A 261 6.86 14.06 -24.77
CA THR A 261 6.20 12.74 -24.89
C THR A 261 6.13 12.06 -23.53
N CYS A 262 5.06 11.32 -23.32
CA CYS A 262 4.88 10.51 -22.11
C CYS A 262 5.01 9.02 -22.46
N HIS A 263 5.80 8.29 -21.69
CA HIS A 263 6.07 6.85 -21.96
C HIS A 263 5.51 6.00 -20.81
N VAL A 264 4.75 4.97 -21.16
CA VAL A 264 4.00 4.13 -20.20
C VAL A 264 4.50 2.69 -20.29
N GLN A 265 4.96 2.12 -19.17
CA GLN A 265 5.41 0.70 -19.14
C GLN A 265 4.57 -0.04 -18.10
N HIS A 266 3.87 -1.07 -18.58
CA HIS A 266 3.06 -2.01 -17.80
C HIS A 266 3.24 -3.41 -18.37
N GLU A 267 3.25 -4.43 -17.52
CA GLU A 267 3.45 -5.81 -17.99
C GLU A 267 2.34 -6.25 -18.97
N GLY A 268 1.16 -5.63 -18.93
CA GLY A 268 -0.01 -5.99 -19.78
C GLY A 268 -0.03 -5.27 -21.13
N LEU A 269 1.06 -4.57 -21.50
CA LEU A 269 1.12 -3.75 -22.74
C LEU A 269 2.03 -4.41 -23.76
N PRO A 270 1.43 -4.75 -24.95
CA PRO A 270 2.15 -5.27 -26.12
C PRO A 270 3.42 -4.49 -26.39
N LYS A 271 3.26 -3.17 -26.58
CA LYS A 271 4.38 -2.25 -26.82
C LYS A 271 4.44 -1.34 -25.60
N PRO A 272 5.58 -0.73 -25.23
CA PRO A 272 5.50 0.51 -24.46
C PRO A 272 4.72 1.58 -25.25
N LEU A 273 3.81 2.29 -24.57
CA LEU A 273 2.96 3.34 -25.19
C LEU A 273 3.75 4.64 -25.17
N THR A 274 3.62 5.39 -26.24
CA THR A 274 4.22 6.74 -26.36
C THR A 274 3.07 7.72 -26.67
N LEU A 275 2.85 8.69 -25.79
CA LEU A 275 1.74 9.65 -25.93
C LEU A 275 2.31 11.06 -26.19
N ARG A 276 1.58 11.80 -27.02
CA ARG A 276 2.03 13.14 -27.47
C ARG A 276 0.83 14.06 -27.65
N TRP A 277 0.91 15.24 -27.07
CA TRP A 277 -0.10 16.30 -27.31
C TRP A 277 0.15 17.04 -28.65
N GLU A 278 -0.71 16.80 -29.63
CA GLU A 278 -0.57 17.54 -30.93
C GLU A 278 -1.86 18.31 -31.23
N LEU A 279 -1.71 19.62 -31.36
CA LEU A 279 -2.81 20.46 -31.87
C LEU A 279 -3.03 20.12 -33.34
N SER A 280 -1.94 19.92 -34.09
CA SER A 280 -2.03 19.68 -35.56
C SER A 280 -0.79 18.95 -36.11
N GLU B 19 7.34 8.93 15.13
CA GLU B 19 8.20 8.88 16.37
C GLU B 19 9.55 9.58 16.11
N ALA B 20 10.65 8.83 15.94
CA ALA B 20 11.98 9.38 15.62
C ALA B 20 11.87 10.12 14.27
N ILE B 21 11.19 9.49 13.31
CA ILE B 21 10.93 10.10 11.99
C ILE B 21 9.45 10.53 11.96
N GLN B 22 9.13 11.54 11.16
CA GLN B 22 7.71 11.92 10.93
C GLN B 22 7.55 12.28 9.47
N ARG B 23 6.57 11.65 8.83
CA ARG B 23 6.26 11.88 7.40
CA ARG B 23 6.26 11.89 7.41
C ARG B 23 4.82 12.39 7.24
N THR B 24 4.73 13.47 6.50
CA THR B 24 3.50 14.21 6.23
C THR B 24 2.71 13.40 5.26
N PRO B 25 1.39 13.24 5.44
CA PRO B 25 0.59 12.50 4.49
C PRO B 25 0.48 13.20 3.13
N LYS B 26 0.40 12.40 2.07
CA LYS B 26 0.13 12.89 0.70
C LYS B 26 -1.34 12.57 0.46
N ILE B 27 -2.14 13.56 0.06
CA ILE B 27 -3.58 13.37 -0.02
C ILE B 27 -4.01 13.49 -1.46
N GLN B 28 -4.76 12.51 -1.93
CA GLN B 28 -5.34 12.48 -3.29
C GLN B 28 -6.84 12.31 -3.15
N VAL B 29 -7.63 13.12 -3.85
CA VAL B 29 -9.10 13.05 -3.81
C VAL B 29 -9.57 12.93 -5.25
N TYR B 30 -10.25 11.84 -5.58
CA TYR B 30 -10.62 11.47 -6.97
C TYR B 30 -11.81 10.51 -6.92
N SER B 31 -12.39 10.26 -8.07
CA SER B 31 -13.56 9.33 -8.22
C SER B 31 -13.04 7.99 -8.74
N ARG B 32 -13.72 6.92 -8.40
CA ARG B 32 -13.39 5.56 -8.91
C ARG B 32 -13.39 5.54 -10.44
N HIS B 33 -14.47 6.05 -11.05
CA HIS B 33 -14.59 6.18 -12.54
C HIS B 33 -14.57 7.64 -12.94
N PRO B 34 -14.13 7.94 -14.20
CA PRO B 34 -14.33 9.28 -14.82
C PRO B 34 -15.71 9.86 -14.50
N ALA B 35 -15.70 11.08 -14.00
CA ALA B 35 -16.89 11.62 -13.34
C ALA B 35 -17.85 12.11 -14.42
N GLU B 36 -19.12 11.83 -14.20
CA GLU B 36 -20.20 12.25 -15.13
C GLU B 36 -21.37 12.71 -14.27
N ASN B 37 -21.81 13.95 -14.52
CA ASN B 37 -22.87 14.57 -13.70
C ASN B 37 -24.10 13.68 -13.76
N GLY B 38 -24.62 13.31 -12.61
CA GLY B 38 -25.85 12.53 -12.53
C GLY B 38 -25.66 11.04 -12.57
N LYS B 39 -24.43 10.56 -12.76
CA LYS B 39 -24.15 9.09 -12.70
C LYS B 39 -23.39 8.69 -11.42
N SER B 40 -23.99 7.85 -10.59
CA SER B 40 -23.36 7.38 -9.34
C SER B 40 -21.98 6.77 -9.60
N ASN B 41 -21.16 7.01 -8.62
CA ASN B 41 -19.70 6.80 -8.71
C ASN B 41 -19.21 6.51 -7.29
N PHE B 42 -17.91 6.51 -7.09
CA PHE B 42 -17.36 6.46 -5.71
C PHE B 42 -16.37 7.59 -5.59
N LEU B 43 -16.45 8.32 -4.48
CA LEU B 43 -15.47 9.34 -4.09
C LEU B 43 -14.42 8.72 -3.14
N ASN B 44 -13.17 8.90 -3.51
CA ASN B 44 -11.96 8.31 -2.85
C ASN B 44 -11.07 9.40 -2.26
N CYS B 45 -10.59 9.16 -1.06
CA CYS B 45 -9.52 9.91 -0.42
C CYS B 45 -8.39 8.94 -0.06
N TYR B 46 -7.34 8.99 -0.83
CA TYR B 46 -6.19 8.10 -0.66
C TYR B 46 -5.10 8.90 0.02
N VAL B 47 -4.75 8.46 1.21
CA VAL B 47 -3.77 9.13 2.05
C VAL B 47 -2.57 8.20 2.19
N SER B 48 -1.39 8.65 1.79
CA SER B 48 -0.19 7.80 1.72
C SER B 48 1.03 8.55 2.21
N GLY B 49 2.12 7.83 2.34
CA GLY B 49 3.40 8.45 2.71
C GLY B 49 3.47 8.95 4.13
N PHE B 50 2.56 8.56 5.04
CA PHE B 50 2.56 9.17 6.41
C PHE B 50 3.15 8.28 7.52
N HIS B 51 3.66 8.89 8.56
CA HIS B 51 4.20 8.15 9.72
C HIS B 51 4.27 9.16 10.83
N PRO B 52 3.83 8.87 12.06
CA PRO B 52 3.22 7.62 12.48
C PRO B 52 1.80 7.41 11.97
N SER B 53 1.22 6.31 12.36
CA SER B 53 -0.01 5.76 11.77
C SER B 53 -1.29 6.47 12.31
N ASP B 54 -1.21 7.21 13.42
CA ASP B 54 -2.42 7.86 14.01
C ASP B 54 -2.86 8.98 13.04
N ILE B 55 -4.08 8.92 12.58
CA ILE B 55 -4.60 9.82 11.56
C ILE B 55 -6.12 9.84 11.64
N GLU B 56 -6.72 10.90 11.13
CA GLU B 56 -8.17 11.12 11.09
C GLU B 56 -8.51 11.64 9.71
N VAL B 57 -9.42 10.94 9.04
CA VAL B 57 -9.84 11.30 7.68
C VAL B 57 -11.36 11.39 7.66
N ASP B 58 -11.86 12.48 7.11
CA ASP B 58 -13.31 12.69 6.91
C ASP B 58 -13.56 13.11 5.48
N LEU B 59 -14.62 12.59 4.94
CA LEU B 59 -15.02 13.02 3.59
C LEU B 59 -16.16 14.01 3.78
N LEU B 60 -16.18 15.05 2.96
CA LEU B 60 -17.03 16.20 3.24
C LEU B 60 -17.84 16.49 2.01
N LYS B 61 -19.08 16.91 2.26
CA LYS B 61 -20.00 17.33 1.19
C LYS B 61 -20.55 18.69 1.58
N ASN B 62 -20.19 19.71 0.77
CA ASN B 62 -20.53 21.13 1.03
C ASN B 62 -20.13 21.43 2.48
N GLY B 63 -18.95 20.99 2.88
CA GLY B 63 -18.41 21.31 4.21
C GLY B 63 -18.96 20.43 5.31
N GLU B 64 -19.96 19.58 5.07
CA GLU B 64 -20.47 18.67 6.13
C GLU B 64 -19.89 17.27 6.02
N ARG B 65 -19.68 16.67 7.19
CA ARG B 65 -19.07 15.34 7.35
C ARG B 65 -20.04 14.33 6.70
N ILE B 66 -19.60 13.54 5.73
CA ILE B 66 -20.40 12.40 5.23
C ILE B 66 -20.32 11.25 6.26
N GLU B 67 -21.44 10.65 6.65
CA GLU B 67 -21.47 9.66 7.78
C GLU B 67 -21.14 8.22 7.35
N LYS B 68 -21.73 7.74 6.24
CA LYS B 68 -21.44 6.38 5.73
C LYS B 68 -20.19 6.44 4.84
N VAL B 69 -19.04 6.27 5.47
CA VAL B 69 -17.72 6.25 4.82
C VAL B 69 -17.00 4.98 5.26
N GLU B 70 -16.45 4.26 4.30
CA GLU B 70 -15.64 3.08 4.58
C GLU B 70 -14.16 3.38 4.36
N HIS B 71 -13.34 2.52 4.93
CA HIS B 71 -11.88 2.64 4.84
C HIS B 71 -11.23 1.26 4.72
N SER B 72 -10.10 1.26 4.07
CA SER B 72 -9.26 0.07 3.84
C SER B 72 -8.51 -0.27 5.13
N ASP B 73 -8.01 -1.46 5.19
CA ASP B 73 -7.07 -1.91 6.27
C ASP B 73 -5.69 -1.28 6.15
N LEU B 74 -5.22 -0.64 7.20
CA LEU B 74 -3.87 -0.03 7.21
C LEU B 74 -2.77 -0.94 6.59
N SER B 75 -2.06 -0.36 5.64
CA SER B 75 -0.91 -1.06 5.05
C SER B 75 0.18 -0.05 4.79
N PHE B 76 1.25 -0.48 4.16
CA PHE B 76 2.42 0.37 4.02
C PHE B 76 3.25 0.03 2.77
N SER B 77 4.05 1.02 2.39
CA SER B 77 4.96 1.03 1.22
C SER B 77 6.36 0.52 1.58
N LYS B 78 7.24 0.52 0.58
CA LYS B 78 8.65 0.05 0.67
C LYS B 78 9.45 0.91 1.66
N ASP B 79 9.17 2.21 1.74
CA ASP B 79 9.90 3.09 2.69
C ASP B 79 9.26 3.08 4.07
N TRP B 80 8.29 2.21 4.30
CA TRP B 80 7.62 1.98 5.59
C TRP B 80 6.53 3.00 5.86
N SER B 81 6.29 3.93 4.93
CA SER B 81 5.24 4.94 5.12
C SER B 81 3.87 4.29 4.97
N PHE B 82 2.90 4.71 5.77
CA PHE B 82 1.56 4.11 5.70
C PHE B 82 0.66 4.65 4.56
N TYR B 83 -0.32 3.82 4.17
CA TYR B 83 -1.45 4.28 3.31
C TYR B 83 -2.78 3.67 3.72
N LEU B 84 -3.82 4.44 3.43
CA LEU B 84 -5.22 4.14 3.68
C LEU B 84 -6.09 4.78 2.57
N LEU B 85 -7.20 4.11 2.23
CA LEU B 85 -8.21 4.63 1.33
C LEU B 85 -9.52 4.82 2.10
N TYR B 86 -10.11 6.00 1.98
CA TYR B 86 -11.48 6.23 2.50
C TYR B 86 -12.36 6.42 1.28
N TYR B 87 -13.56 5.91 1.32
CA TYR B 87 -14.44 5.96 0.16
C TYR B 87 -15.91 5.93 0.59
N THR B 88 -16.73 6.44 -0.34
CA THR B 88 -18.19 6.57 -0.17
C THR B 88 -18.82 6.76 -1.53
N GLU B 89 -20.04 6.22 -1.63
CA GLU B 89 -20.92 6.37 -2.79
C GLU B 89 -21.33 7.84 -2.96
N PHE B 90 -21.28 8.37 -4.18
CA PHE B 90 -21.83 9.75 -4.43
C PHE B 90 -22.28 9.89 -5.88
N THR B 91 -23.11 10.85 -6.16
CA THR B 91 -23.50 11.17 -7.56
C THR B 91 -22.97 12.56 -7.83
N PRO B 92 -21.90 12.73 -8.61
CA PRO B 92 -21.41 14.09 -8.78
C PRO B 92 -22.47 15.01 -9.47
N THR B 93 -22.52 16.29 -9.05
CA THR B 93 -23.31 17.36 -9.69
C THR B 93 -22.38 18.51 -10.05
N GLU B 94 -22.89 19.44 -10.83
CA GLU B 94 -22.16 20.66 -11.16
C GLU B 94 -21.85 21.46 -9.88
N LYS B 95 -22.74 21.55 -8.91
CA LYS B 95 -22.64 22.55 -7.80
C LYS B 95 -22.07 21.96 -6.49
N ASP B 96 -22.26 20.68 -6.23
CA ASP B 96 -21.81 20.08 -4.95
C ASP B 96 -20.29 20.08 -4.84
N GLU B 97 -19.82 20.57 -3.70
CA GLU B 97 -18.38 20.64 -3.37
C GLU B 97 -18.07 19.43 -2.47
N TYR B 98 -17.09 18.63 -2.86
CA TYR B 98 -16.68 17.45 -2.07
C TYR B 98 -15.25 17.71 -1.67
N ALA B 99 -14.89 17.27 -0.47
CA ALA B 99 -13.50 17.39 -0.05
C ALA B 99 -13.19 16.26 0.90
N CYS B 100 -11.90 16.08 1.12
CA CYS B 100 -11.36 15.19 2.16
C CYS B 100 -10.62 16.06 3.17
N ARG B 101 -10.83 15.81 4.47
CA ARG B 101 -10.15 16.50 5.59
C ARG B 101 -9.26 15.51 6.38
N VAL B 102 -7.99 15.84 6.56
CA VAL B 102 -7.03 14.90 7.18
C VAL B 102 -6.36 15.56 8.36
N ASN B 103 -6.33 14.89 9.49
CA ASN B 103 -5.54 15.39 10.62
C ASN B 103 -4.44 14.37 10.99
N HIS B 104 -3.25 14.86 11.28
CA HIS B 104 -2.01 14.09 11.48
C HIS B 104 -1.11 15.03 12.26
N VAL B 105 -0.27 14.46 13.10
CA VAL B 105 0.67 15.19 13.98
C VAL B 105 1.55 16.14 13.18
N THR B 106 1.83 15.86 11.92
CA THR B 106 2.72 16.72 11.12
C THR B 106 2.01 17.95 10.63
N LEU B 107 0.70 18.07 10.84
CA LEU B 107 -0.06 19.22 10.28
C LEU B 107 -0.35 20.26 11.36
N SER B 108 -0.14 21.55 11.07
CA SER B 108 -0.44 22.65 12.05
C SER B 108 -1.95 22.70 12.34
N GLN B 109 -2.77 22.34 11.35
CA GLN B 109 -4.24 22.23 11.44
C GLN B 109 -4.62 21.17 10.44
N PRO B 110 -5.83 20.66 10.57
CA PRO B 110 -6.35 19.69 9.62
C PRO B 110 -6.39 20.17 8.16
N LYS B 111 -5.86 19.37 7.26
CA LYS B 111 -5.68 19.75 5.84
C LYS B 111 -6.97 19.38 5.07
N ILE B 112 -7.58 20.32 4.35
CA ILE B 112 -8.77 20.07 3.49
C ILE B 112 -8.36 20.13 2.04
N VAL B 113 -8.59 19.05 1.29
CA VAL B 113 -8.22 18.94 -0.12
C VAL B 113 -9.54 18.75 -0.84
N LYS B 114 -9.73 19.54 -1.88
CA LYS B 114 -11.05 19.58 -2.55
C LYS B 114 -10.99 18.66 -3.74
N TRP B 115 -12.13 18.04 -4.01
CA TRP B 115 -12.29 17.16 -5.18
C TRP B 115 -12.28 18.02 -6.42
N ASP B 116 -11.39 17.68 -7.32
CA ASP B 116 -11.25 18.34 -8.65
C ASP B 116 -11.27 17.25 -9.70
N ARG B 117 -12.26 17.25 -10.61
CA ARG B 117 -12.32 16.24 -11.74
C ARG B 117 -11.03 16.06 -12.58
N ASP B 118 -10.09 17.03 -12.62
CA ASP B 118 -8.84 16.98 -13.44
C ASP B 118 -7.64 16.38 -12.68
N MET B 119 -7.78 15.94 -11.42
CA MET B 119 -6.69 15.21 -10.74
C MET B 119 -7.21 14.33 -9.58
N THR C 1 -1.73 -18.83 3.82
CA THR C 1 -1.71 -18.99 5.27
C THR C 1 -0.47 -18.34 5.88
N THR C 2 -0.65 -17.86 7.10
CA THR C 2 0.44 -17.14 7.83
C THR C 2 1.52 -18.10 8.37
N ALA C 3 2.70 -17.58 8.58
CA ALA C 3 3.89 -18.35 9.06
C ALA C 3 3.80 -18.58 10.55
N PRO C 4 4.45 -19.64 11.09
CA PRO C 4 4.70 -19.65 12.53
C PRO C 4 5.48 -18.39 12.91
N SER C 5 5.14 -17.87 14.06
CA SER C 5 5.78 -16.71 14.71
C SER C 5 7.26 -17.03 15.01
N LEU C 6 8.15 -16.07 14.73
CA LEU C 6 9.54 -16.16 15.21
C LEU C 6 9.54 -15.95 16.73
N SER C 7 10.59 -16.40 17.40
CA SER C 7 10.83 -16.10 18.82
C SER C 7 11.17 -14.60 18.98
N GLY C 8 11.21 -14.14 20.22
CA GLY C 8 11.30 -12.73 20.54
C GLY C 8 12.51 -12.06 19.90
N LYS C 9 12.38 -10.79 19.56
CA LYS C 9 13.52 -9.96 19.17
C LYS C 9 14.43 -9.64 20.38
O1 PG4 D . -10.85 1.27 12.96
C1 PG4 D . -10.73 2.55 13.56
C2 PG4 D . -10.14 3.50 12.58
O2 PG4 D . -8.91 2.92 12.14
C3 PG4 D . -8.39 3.41 10.92
C4 PG4 D . -7.15 4.15 11.21
O3 PG4 D . -6.03 3.28 11.43
C5 PG4 D . -4.93 4.01 11.98
C6 PG4 D . -4.19 3.25 13.05
O4 PG4 D . -4.16 3.98 14.27
C7 PG4 D . -3.19 3.51 15.20
C8 PG4 D . -3.63 3.77 16.59
O5 PG4 D . -4.92 3.26 16.83
O1 MES E . 24.21 -12.02 0.62
C2 MES E . 23.79 -11.79 1.96
C3 MES E . 24.67 -12.52 2.95
N4 MES E . 24.64 -13.99 2.66
C5 MES E . 25.02 -14.22 1.24
C6 MES E . 24.12 -13.41 0.33
C7 MES E . 25.53 -14.75 3.60
C8 MES E . 25.53 -16.25 3.35
S MES E . 26.59 -17.13 4.46
O1S MES E . 26.10 -16.87 5.77
O2S MES E . 27.92 -16.61 4.25
O3S MES E . 26.48 -18.53 4.09
N1 IMD F . 0.95 -10.81 -12.55
C2 IMD F . 0.02 -10.71 -13.53
N3 IMD F . -1.19 -10.75 -12.98
C4 IMD F . -1.04 -10.90 -11.62
C5 IMD F . 0.29 -10.91 -11.35
N1 IMD G . -1.89 -26.59 -6.51
C2 IMD G . -3.02 -26.22 -7.17
N3 IMD G . -4.08 -26.75 -6.56
C4 IMD G . -3.61 -27.60 -5.57
C5 IMD G . -2.27 -27.49 -5.52
C1 PEG H . -2.56 -2.34 -2.82
O1 PEG H . -3.92 -2.24 -2.41
C2 PEG H . -1.91 -3.69 -2.44
O2 PEG H . -0.54 -3.84 -2.82
C3 PEG H . 0.23 -4.57 -1.86
C4 PEG H . 1.60 -4.87 -2.35
O4 PEG H . 1.73 -6.26 -2.60
C1 PEG I . -16.47 -17.31 5.54
O1 PEG I . -17.63 -16.89 4.83
C2 PEG I . -16.69 -17.31 7.01
O2 PEG I . -15.44 -17.00 7.63
C3 PEG I . -15.58 -16.32 8.87
C4 PEG I . -14.21 -16.27 9.52
O4 PEG I . -14.02 -15.15 10.35
C1 EDO J . 4.85 -10.48 -8.37
O1 EDO J . 6.26 -10.39 -8.51
C2 EDO J . 4.10 -9.22 -8.68
O2 EDO J . 2.95 -9.01 -7.81
C1 EDO K . -4.46 21.26 -12.25
O1 EDO K . -5.87 21.48 -12.54
C2 EDO K . -3.59 21.32 -13.44
O2 EDO K . -2.79 22.54 -13.63
C1 EDO L . -0.85 4.81 32.39
O1 EDO L . 0.50 4.34 32.60
C2 EDO L . -1.87 4.12 33.24
O2 EDO L . -3.07 3.82 32.59
C1 EDO M . 23.30 -0.76 21.52
O1 EDO M . 24.39 -1.67 21.39
C2 EDO M . 22.79 -0.90 22.92
O2 EDO M . 21.39 -1.09 22.97
O1 PG4 N . 12.38 -6.25 -0.54
C1 PG4 N . 11.81 -7.01 -1.62
C2 PG4 N . 10.45 -7.56 -1.32
O2 PG4 N . 9.47 -7.10 -2.28
C3 PG4 N . 8.09 -7.06 -1.83
C4 PG4 N . 7.37 -5.66 -1.86
O3 PG4 N . 6.67 -5.36 -0.62
C5 PG4 N . 6.29 -4.01 -0.33
C6 PG4 N . 6.32 -3.76 1.18
O4 PG4 N . 7.53 -3.15 1.63
C7 PG4 N . 7.94 -3.43 2.95
C8 PG4 N . 9.23 -2.77 3.23
O5 PG4 N . 10.37 -3.46 2.76
O1 MES O . -1.30 0.29 -4.10
C2 MES O . -0.26 0.18 -5.06
C3 MES O . 1.04 -0.24 -4.42
N4 MES O . 1.44 0.74 -3.37
C5 MES O . 0.31 0.90 -2.39
C6 MES O . -0.96 1.27 -3.13
C7 MES O . 2.71 0.34 -2.68
C8 MES O . 3.89 0.22 -3.62
S MES O . 5.38 -0.25 -2.80
O1S MES O . 6.40 -0.32 -3.81
O2S MES O . 5.65 0.77 -1.82
O3S MES O . 5.12 -1.53 -2.19
O1 MES P . 8.62 3.81 -0.98
C2 MES P . 7.53 4.68 -0.70
C3 MES P . 6.36 4.37 -1.58
N4 MES P . 6.74 4.49 -3.02
C5 MES P . 7.96 3.68 -3.29
C6 MES P . 9.05 4.02 -2.31
C7 MES P . 5.61 4.07 -3.91
C8 MES P . 5.58 4.79 -5.24
S MES P . 4.39 4.12 -6.36
O1S MES P . 3.87 5.24 -7.07
O2S MES P . 3.40 3.47 -5.56
O3S MES P . 5.11 3.22 -7.19
C1 PEG Q . -8.97 11.53 -15.76
O1 PEG Q . -8.83 12.84 -16.39
C2 PEG Q . -10.00 11.56 -14.69
O2 PEG Q . -10.03 10.32 -13.98
C3 PEG Q . -10.70 10.43 -12.74
C4 PEG Q . -10.58 9.17 -12.00
O4 PEG Q . -11.18 8.10 -12.71
C1 PEG R . -5.07 11.89 15.01
O1 PEG R . -5.62 10.85 15.79
C2 PEG R . -4.03 12.64 15.77
O2 PEG R . -3.77 13.87 15.11
C3 PEG R . -3.21 14.84 15.98
C4 PEG R . -3.01 16.13 15.26
O4 PEG R . -2.59 17.17 16.11
H11 PEG R . -5.79 12.49 14.73
H12 PEG R . -4.66 11.50 14.21
HO1 PEG R . -6.21 10.44 15.32
H21 PEG R . -3.21 12.12 15.83
H22 PEG R . -4.35 12.82 16.68
H31 PEG R . -2.34 14.52 16.33
H32 PEG R . -3.81 14.98 16.75
H41 PEG R . -3.85 16.38 14.82
H42 PEG R . -2.33 15.99 14.55
HO4 PEG R . -3.17 17.30 16.70
C1 EDO S . -11.22 15.46 10.68
O1 EDO S . -10.62 14.77 9.58
C2 EDO S . -10.45 16.65 11.22
O2 EDO S . -9.74 16.24 12.41
C1 EDO T . -1.00 17.31 0.74
O1 EDO T . -1.77 17.91 -0.30
C2 EDO T . -0.06 18.26 1.45
O2 EDO T . -0.19 18.35 2.88
C1 EDO U . 3.74 21.04 13.57
O1 EDO U . 2.81 21.01 14.66
C2 EDO U . 3.07 21.60 12.38
O2 EDO U . 3.90 22.03 11.30
#